data_1KNF
#
_entry.id   1KNF
#
_cell.length_a   123.1
_cell.length_b   123.1
_cell.length_c   110.6
_cell.angle_alpha   90
_cell.angle_beta   90
_cell.angle_gamma   90
#
_symmetry.space_group_name_H-M   'I 4 2 2'
#
loop_
_entity.id
_entity.type
_entity.pdbx_description
1 polymer '2,3-DIHYDROXYBIPHENYL 1,2-DIOXYGENASE'
2 non-polymer 'FE (II) ION'
3 non-polymer 3-METHYLCATECHOL
4 non-polymer 'TERTIARY-BUTYL ALCOHOL'
5 water water
#
_entity_poly.entity_id   1
_entity_poly.type   'polypeptide(L)'
_entity_poly.pdbx_seq_one_letter_code
;SIRSLGYMGFAVSDVAAWRSFLTQKLGLMEAGTTDNGDLFRIDSRAWRIAVQQGEVDDLAFAGYEVADAAGLAQMADKLK
QAGIAVTTGDASLARRRGVTGLITFADPFGLPLEIYYGASEVFEKPFLPGAAVSGFLTGEQGLGHFVRCVPDSDKALAFY
TDVLGFQLSDVIDMKMGPDVTVPAYFLHCNERHHTLAIAAFPLPKRIHHFMLEVASLDDVGFAFDRVDADGLITSTLGRH
TNDHMVSFYASTPSGVEVEYGWSARTVDRSWVVVRHDSPSMWGHKSVRDKAAARNKA
;
_entity_poly.pdbx_strand_id   A
#
loop_
_chem_comp.id
_chem_comp.type
_chem_comp.name
_chem_comp.formula
FE2 non-polymer 'FE (II) ION' 'Fe 2'
MBD non-polymer 3-METHYLCATECHOL 'C7 H8 O2'
TBU non-polymer 'TERTIARY-BUTYL ALCOHOL' 'C4 H10 O'
#
# COMPACT_ATOMS: atom_id res chain seq x y z
N SER A 1 11.31 -12.46 -9.03
CA SER A 1 9.83 -12.36 -8.88
C SER A 1 9.50 -11.53 -7.65
N ILE A 2 8.56 -10.62 -7.80
CA ILE A 2 8.14 -9.75 -6.71
C ILE A 2 7.52 -10.58 -5.62
N ARG A 3 8.02 -10.41 -4.41
CA ARG A 3 7.52 -11.14 -3.27
C ARG A 3 6.48 -10.34 -2.46
N SER A 4 6.59 -9.01 -2.46
CA SER A 4 5.66 -8.20 -1.69
C SER A 4 5.91 -6.72 -1.86
N LEU A 5 4.99 -5.92 -1.32
CA LEU A 5 5.11 -4.47 -1.28
C LEU A 5 5.95 -4.28 -0.02
N GLY A 6 7.11 -3.65 -0.16
CA GLY A 6 8.01 -3.44 0.97
C GLY A 6 7.96 -2.10 1.66
N TYR A 7 7.86 -1.00 0.91
CA TYR A 7 7.81 0.31 1.51
C TYR A 7 7.09 1.31 0.62
N MET A 8 6.71 2.45 1.17
CA MET A 8 6.03 3.51 0.41
C MET A 8 6.54 4.85 0.91
N GLY A 9 6.53 5.83 0.02
CA GLY A 9 6.96 7.16 0.40
C GLY A 9 5.90 8.15 -0.03
N PHE A 10 5.60 9.13 0.84
CA PHE A 10 4.62 10.19 0.57
C PHE A 10 5.31 11.55 0.54
N ALA A 11 4.86 12.42 -0.38
CA ALA A 11 5.40 13.78 -0.52
C ALA A 11 4.21 14.63 -0.11
N VAL A 12 4.30 15.23 1.07
CA VAL A 12 3.21 15.99 1.63
C VAL A 12 3.50 17.45 1.97
N SER A 13 2.44 18.24 2.04
CA SER A 13 2.58 19.65 2.35
C SER A 13 2.70 19.91 3.85
N ASP A 14 2.09 19.05 4.67
CA ASP A 14 2.19 19.23 6.11
C ASP A 14 2.78 17.99 6.79
N VAL A 15 4.10 17.98 6.89
CA VAL A 15 4.84 16.86 7.48
C VAL A 15 4.52 16.66 8.96
N ALA A 16 4.30 17.75 9.68
CA ALA A 16 3.98 17.66 11.07
C ALA A 16 2.63 16.99 11.28
N ALA A 17 1.65 17.32 10.43
CA ALA A 17 0.31 16.74 10.54
C ALA A 17 0.39 15.23 10.32
N TRP A 18 1.19 14.83 9.35
CA TRP A 18 1.38 13.43 9.04
C TRP A 18 2.03 12.66 10.18
N ARG A 19 3.08 13.24 10.76
CA ARG A 19 3.79 12.63 11.87
C ARG A 19 2.83 12.34 13.03
N SER A 20 2.04 13.33 13.38
CA SER A 20 1.06 13.18 14.45
C SER A 20 -0.04 12.16 14.08
N PHE A 21 -0.48 12.19 12.83
CA PHE A 21 -1.52 11.29 12.36
C PHE A 21 -1.06 9.81 12.43
N LEU A 22 0.09 9.53 11.85
CA LEU A 22 0.63 8.17 11.83
C LEU A 22 0.94 7.59 13.19
N THR A 23 1.53 8.39 14.08
CA THR A 23 1.88 7.87 15.40
C THR A 23 0.75 7.85 16.40
N GLN A 24 0.09 8.98 16.57
CA GLN A 24 -0.98 9.10 17.54
C GLN A 24 -2.32 8.49 17.16
N LYS A 25 -2.69 8.55 15.89
CA LYS A 25 -3.97 7.98 15.46
C LYS A 25 -3.83 6.50 15.05
N LEU A 26 -2.88 6.21 14.17
CA LEU A 26 -2.69 4.86 13.67
C LEU A 26 -1.74 3.98 14.49
N GLY A 27 -0.92 4.58 15.34
CA GLY A 27 0.00 3.80 16.17
C GLY A 27 1.33 3.37 15.59
N LEU A 28 1.80 4.00 14.51
CA LEU A 28 3.07 3.64 13.93
C LEU A 28 4.18 4.15 14.84
N MET A 29 5.38 3.60 14.67
CA MET A 29 6.51 4.01 15.48
C MET A 29 7.38 5.00 14.71
N GLU A 30 7.70 6.11 15.36
CA GLU A 30 8.54 7.13 14.76
C GLU A 30 9.96 6.53 14.76
N ALA A 31 10.61 6.50 13.60
CA ALA A 31 11.94 5.91 13.50
C ALA A 31 13.04 6.90 13.13
N GLY A 32 12.82 8.19 13.36
CA GLY A 32 13.85 9.17 13.04
C GLY A 32 13.73 9.82 11.68
N THR A 33 14.56 10.82 11.44
CA THR A 33 14.54 11.57 10.19
C THR A 33 15.90 11.45 9.51
N THR A 34 15.88 11.21 8.22
CA THR A 34 17.09 11.07 7.47
C THR A 34 16.89 11.78 6.14
N ASP A 35 17.84 11.60 5.22
CA ASP A 35 17.73 12.20 3.89
C ASP A 35 16.65 11.46 3.11
N ASN A 36 16.10 10.40 3.73
CA ASN A 36 15.02 9.62 3.14
C ASN A 36 13.70 10.22 3.66
N GLY A 37 13.81 11.14 4.62
CA GLY A 37 12.64 11.80 5.20
C GLY A 37 12.34 11.31 6.61
N ASP A 38 11.14 11.62 7.11
CA ASP A 38 10.68 11.16 8.43
C ASP A 38 10.31 9.70 8.22
N LEU A 39 10.89 8.82 9.02
CA LEU A 39 10.68 7.38 8.88
C LEU A 39 9.74 6.79 9.92
N PHE A 40 8.88 5.88 9.49
CA PHE A 40 7.94 5.24 10.41
C PHE A 40 8.01 3.72 10.26
N ARG A 41 7.92 3.03 11.39
CA ARG A 41 8.00 1.58 11.44
C ARG A 41 6.69 0.93 11.89
N ILE A 42 6.50 -0.33 11.47
CA ILE A 42 5.35 -1.11 11.91
C ILE A 42 5.82 -2.52 12.30
N ASP A 43 7.10 -2.81 12.06
CA ASP A 43 7.64 -4.12 12.40
C ASP A 43 9.17 -4.04 12.57
N SER A 44 9.89 -5.14 12.34
CA SER A 44 11.35 -5.17 12.51
C SER A 44 12.14 -4.38 11.49
N ARG A 45 11.58 -4.14 10.31
CA ARG A 45 12.27 -3.37 9.28
C ARG A 45 12.59 -1.96 9.78
N ALA A 46 13.72 -1.42 9.32
CA ALA A 46 14.16 -0.07 9.71
C ALA A 46 13.12 1.04 9.44
N TRP A 47 12.31 0.87 8.41
CA TRP A 47 11.24 1.82 8.07
C TRP A 47 10.37 1.13 7.03
N ARG A 48 9.09 1.51 7.00
CA ARG A 48 8.15 0.99 6.00
C ARG A 48 7.52 2.16 5.27
N ILE A 49 7.33 3.26 5.98
CA ILE A 49 6.74 4.48 5.42
C ILE A 49 7.65 5.68 5.64
N ALA A 50 7.88 6.44 4.57
CA ALA A 50 8.71 7.65 4.61
C ALA A 50 7.81 8.84 4.24
N VAL A 51 7.93 9.93 4.98
CA VAL A 51 7.15 11.13 4.73
C VAL A 51 8.13 12.26 4.41
N GLN A 52 8.01 12.85 3.22
CA GLN A 52 8.90 13.93 2.79
C GLN A 52 8.05 15.16 2.47
N GLN A 53 8.64 16.35 2.56
CA GLN A 53 7.89 17.58 2.28
C GLN A 53 7.76 17.62 0.77
N GLY A 54 6.58 17.97 0.30
CA GLY A 54 6.36 18.02 -1.12
C GLY A 54 5.01 18.62 -1.43
N GLU A 55 4.87 19.08 -2.66
CA GLU A 55 3.66 19.73 -3.14
C GLU A 55 2.52 18.80 -3.55
N VAL A 56 2.84 17.62 -4.08
CA VAL A 56 1.78 16.73 -4.55
C VAL A 56 0.78 16.21 -3.52
N ASP A 57 1.19 16.08 -2.26
CA ASP A 57 0.29 15.57 -1.22
C ASP A 57 -0.25 14.22 -1.71
N ASP A 58 0.67 13.29 -1.98
CA ASP A 58 0.25 12.01 -2.54
C ASP A 58 1.40 11.01 -2.36
N LEU A 59 1.19 9.80 -2.87
CA LEU A 59 2.18 8.74 -2.85
C LEU A 59 3.27 9.17 -3.83
N ALA A 60 4.51 9.22 -3.35
CA ALA A 60 5.63 9.63 -4.17
C ALA A 60 6.34 8.46 -4.85
N PHE A 61 6.41 7.30 -4.17
CA PHE A 61 7.06 6.11 -4.74
C PHE A 61 6.67 4.92 -3.90
N ALA A 62 6.78 3.73 -4.47
CA ALA A 62 6.48 2.48 -3.77
C ALA A 62 7.61 1.50 -4.12
N GLY A 63 8.02 0.70 -3.14
CA GLY A 63 9.09 -0.24 -3.39
C GLY A 63 8.60 -1.65 -3.25
N TYR A 64 8.87 -2.47 -4.25
CA TYR A 64 8.48 -3.88 -4.24
C TYR A 64 9.74 -4.67 -3.95
N GLU A 65 9.59 -5.66 -3.11
CA GLU A 65 10.69 -6.49 -2.66
C GLU A 65 10.86 -7.83 -3.37
N VAL A 66 12.08 -8.13 -3.78
CA VAL A 66 12.40 -9.43 -4.37
C VAL A 66 13.24 -10.16 -3.30
N ALA A 67 13.44 -11.45 -3.47
CA ALA A 67 14.16 -12.23 -2.45
C ALA A 67 15.66 -12.03 -2.41
N ASP A 68 16.25 -11.77 -3.56
CA ASP A 68 17.70 -11.64 -3.65
C ASP A 68 18.16 -10.94 -4.92
N ALA A 69 19.48 -10.91 -5.09
CA ALA A 69 20.11 -10.27 -6.23
C ALA A 69 19.73 -10.90 -7.55
N ALA A 70 19.46 -12.21 -7.54
CA ALA A 70 19.08 -12.89 -8.76
C ALA A 70 17.68 -12.43 -9.15
N GLY A 71 16.81 -12.30 -8.16
CA GLY A 71 15.46 -11.84 -8.42
C GLY A 71 15.48 -10.43 -8.99
N LEU A 72 16.37 -9.59 -8.47
CA LEU A 72 16.46 -8.22 -8.95
C LEU A 72 16.85 -8.23 -10.43
N ALA A 73 17.82 -9.08 -10.76
CA ALA A 73 18.31 -9.22 -12.12
C ALA A 73 17.19 -9.69 -13.05
N GLN A 74 16.40 -10.67 -12.61
CA GLN A 74 15.29 -11.18 -13.41
C GLN A 74 14.32 -10.05 -13.74
N MET A 75 13.90 -9.30 -12.72
CA MET A 75 12.95 -8.21 -12.92
C MET A 75 13.50 -7.12 -13.85
N ALA A 76 14.77 -6.77 -13.66
CA ALA A 76 15.38 -5.76 -14.51
C ALA A 76 15.32 -6.23 -15.95
N ASP A 77 15.61 -7.51 -16.15
CA ASP A 77 15.60 -8.10 -17.48
C ASP A 77 14.19 -8.08 -18.09
N LYS A 78 13.22 -8.48 -17.29
CA LYS A 78 11.83 -8.52 -17.72
C LYS A 78 11.36 -7.12 -18.14
N LEU A 79 11.74 -6.10 -17.39
CA LEU A 79 11.34 -4.73 -17.70
C LEU A 79 11.99 -4.25 -19.00
N LYS A 80 13.29 -4.51 -19.15
CA LYS A 80 14.02 -4.12 -20.35
C LYS A 80 13.41 -4.79 -21.57
N GLN A 81 13.13 -6.09 -21.46
CA GLN A 81 12.53 -6.82 -22.57
C GLN A 81 11.16 -6.24 -22.94
N ALA A 82 10.52 -5.56 -22.00
CA ALA A 82 9.21 -4.95 -22.23
C ALA A 82 9.34 -3.52 -22.77
N GLY A 83 10.57 -3.03 -22.85
CA GLY A 83 10.80 -1.69 -23.33
C GLY A 83 10.66 -0.60 -22.28
N ILE A 84 10.67 -0.99 -21.00
CA ILE A 84 10.52 -0.01 -19.93
C ILE A 84 11.90 0.57 -19.62
N ALA A 85 11.98 1.87 -19.37
CA ALA A 85 13.25 2.49 -19.03
C ALA A 85 13.55 2.20 -17.56
N VAL A 86 14.56 1.38 -17.30
CA VAL A 86 14.94 1.04 -15.93
C VAL A 86 16.29 1.65 -15.62
N THR A 87 16.45 2.12 -14.39
CA THR A 87 17.70 2.71 -13.96
C THR A 87 18.18 1.95 -12.74
N THR A 88 19.42 1.47 -12.78
CA THR A 88 19.97 0.77 -11.63
C THR A 88 20.26 1.84 -10.60
N GLY A 89 19.56 1.78 -9.47
CA GLY A 89 19.77 2.76 -8.43
C GLY A 89 21.22 2.81 -8.02
N ASP A 90 21.75 4.00 -7.80
CA ASP A 90 23.14 4.12 -7.40
C ASP A 90 23.28 3.91 -5.90
N ALA A 91 24.52 3.68 -5.47
CA ALA A 91 24.83 3.46 -4.06
C ALA A 91 24.22 4.52 -3.16
N SER A 92 24.17 5.75 -3.63
CA SER A 92 23.60 6.82 -2.84
C SER A 92 22.12 6.59 -2.56
N LEU A 93 21.37 6.16 -3.58
CA LEU A 93 19.94 5.91 -3.40
C LEU A 93 19.74 4.67 -2.55
N ALA A 94 20.54 3.64 -2.82
CA ALA A 94 20.45 2.39 -2.07
C ALA A 94 20.70 2.67 -0.60
N ARG A 95 21.71 3.49 -0.30
CA ARG A 95 22.03 3.83 1.08
C ARG A 95 20.91 4.66 1.68
N ARG A 96 20.33 5.54 0.89
CA ARG A 96 19.24 6.37 1.39
C ARG A 96 18.02 5.50 1.76
N ARG A 97 17.74 4.48 0.95
CA ARG A 97 16.61 3.58 1.19
C ARG A 97 16.93 2.50 2.23
N GLY A 98 18.22 2.29 2.50
CA GLY A 98 18.63 1.28 3.44
C GLY A 98 18.53 -0.12 2.85
N VAL A 99 18.70 -0.24 1.54
CA VAL A 99 18.60 -1.54 0.87
C VAL A 99 19.94 -1.93 0.25
N THR A 100 20.06 -3.17 -0.19
CA THR A 100 21.30 -3.67 -0.78
C THR A 100 21.46 -3.34 -2.26
N GLY A 101 20.35 -3.44 -3.00
CA GLY A 101 20.38 -3.12 -4.42
C GLY A 101 18.98 -2.77 -4.87
N LEU A 102 18.86 -1.90 -5.87
CA LEU A 102 17.53 -1.55 -6.36
C LEU A 102 17.57 -0.96 -7.74
N ILE A 103 16.44 -1.07 -8.44
CA ILE A 103 16.26 -0.51 -9.77
C ILE A 103 15.03 0.38 -9.66
N THR A 104 15.03 1.44 -10.46
CA THR A 104 13.94 2.40 -10.46
C THR A 104 13.34 2.53 -11.86
N PHE A 105 12.06 2.85 -11.90
CA PHE A 105 11.31 3.01 -13.15
C PHE A 105 9.96 3.59 -12.77
N ALA A 106 9.04 3.70 -13.73
CA ALA A 106 7.72 4.26 -13.44
C ALA A 106 6.64 3.44 -14.08
N ASP A 107 5.43 3.48 -13.52
CA ASP A 107 4.35 2.72 -14.16
C ASP A 107 3.90 3.54 -15.38
N PRO A 108 3.05 2.97 -16.25
CA PRO A 108 2.59 3.67 -17.45
C PRO A 108 1.99 5.06 -17.26
N PHE A 109 1.60 5.37 -16.03
CA PHE A 109 0.99 6.67 -15.78
C PHE A 109 1.80 7.56 -14.83
N GLY A 110 3.11 7.33 -14.80
CA GLY A 110 3.99 8.16 -14.00
C GLY A 110 4.24 7.94 -12.52
N LEU A 111 3.82 6.82 -11.96
CA LEU A 111 4.11 6.60 -10.55
C LEU A 111 5.49 5.99 -10.46
N PRO A 112 6.40 6.63 -9.71
CA PRO A 112 7.77 6.11 -9.53
C PRO A 112 7.71 4.82 -8.73
N LEU A 113 8.30 3.77 -9.28
CA LEU A 113 8.34 2.47 -8.63
C LEU A 113 9.79 2.04 -8.47
N GLU A 114 10.03 1.24 -7.43
CA GLU A 114 11.36 0.72 -7.15
C GLU A 114 11.23 -0.76 -6.81
N ILE A 115 12.16 -1.56 -7.29
CA ILE A 115 12.20 -2.98 -6.97
C ILE A 115 13.56 -3.12 -6.30
N TYR A 116 13.59 -3.70 -5.11
CA TYR A 116 14.84 -3.82 -4.38
C TYR A 116 14.97 -5.15 -3.68
N TYR A 117 16.15 -5.36 -3.10
CA TYR A 117 16.40 -6.54 -2.29
C TYR A 117 17.34 -6.13 -1.17
N GLY A 118 17.33 -6.90 -0.08
CA GLY A 118 18.21 -6.68 1.05
C GLY A 118 17.99 -5.44 1.89
N ALA A 119 16.75 -5.28 2.36
CA ALA A 119 16.36 -4.16 3.21
C ALA A 119 16.97 -4.37 4.60
N SER A 120 16.98 -3.31 5.39
CA SER A 120 17.54 -3.33 6.73
C SER A 120 16.57 -3.72 7.82
N GLU A 121 17.00 -4.64 8.70
CA GLU A 121 16.23 -5.10 9.84
C GLU A 121 16.83 -4.40 11.05
N VAL A 122 16.02 -4.14 12.07
CA VAL A 122 16.52 -3.51 13.30
C VAL A 122 15.91 -4.21 14.52
N PHE A 123 16.18 -5.50 14.64
CA PHE A 123 15.69 -6.30 15.76
C PHE A 123 16.23 -5.77 17.09
N GLU A 124 17.39 -5.10 17.04
CA GLU A 124 18.01 -4.53 18.24
C GLU A 124 17.28 -3.29 18.77
N LYS A 125 16.36 -2.75 17.98
CA LYS A 125 15.53 -1.59 18.36
C LYS A 125 14.10 -2.10 18.26
N PRO A 126 13.65 -2.89 19.26
CA PRO A 126 12.30 -3.45 19.27
C PRO A 126 11.17 -2.45 19.00
N PHE A 127 10.25 -2.86 18.13
CA PHE A 127 9.10 -2.04 17.75
C PHE A 127 8.26 -1.65 18.97
N LEU A 128 7.96 -0.36 19.09
CA LEU A 128 7.12 0.12 20.18
C LEU A 128 6.17 1.09 19.47
N PRO A 129 4.87 0.74 19.38
CA PRO A 129 3.87 1.59 18.71
C PRO A 129 3.61 2.93 19.38
N GLY A 130 3.25 3.91 18.55
CA GLY A 130 2.95 5.25 19.04
C GLY A 130 1.61 5.34 19.71
N ALA A 131 0.79 4.29 19.61
CA ALA A 131 -0.53 4.25 20.23
C ALA A 131 -0.76 2.78 20.59
N ALA A 132 -1.79 2.48 21.38
CA ALA A 132 -2.03 1.09 21.77
C ALA A 132 -2.49 0.21 20.62
N VAL A 133 -1.55 -0.50 20.03
CA VAL A 133 -1.81 -1.42 18.91
C VAL A 133 -1.06 -2.72 19.24
N SER A 134 -1.77 -3.84 19.22
CA SER A 134 -1.17 -5.13 19.55
C SER A 134 -0.13 -5.59 18.54
N GLY A 135 -0.30 -5.18 17.29
CA GLY A 135 0.65 -5.54 16.26
C GLY A 135 0.11 -5.34 14.86
N PHE A 136 1.02 -5.30 13.89
CA PHE A 136 0.66 -5.14 12.48
C PHE A 136 1.00 -6.46 11.79
N LEU A 137 0.23 -6.82 10.78
CA LEU A 137 0.48 -8.05 10.05
C LEU A 137 1.29 -7.74 8.83
N THR A 138 2.53 -8.22 8.79
CA THR A 138 3.38 -7.99 7.63
C THR A 138 3.96 -9.34 7.23
N GLY A 139 5.21 -9.61 7.62
CA GLY A 139 5.80 -10.88 7.28
C GLY A 139 5.79 -11.13 5.80
N GLU A 140 5.46 -12.36 5.40
CA GLU A 140 5.46 -12.70 3.99
C GLU A 140 4.38 -11.98 3.20
N GLN A 141 3.45 -11.35 3.88
CA GLN A 141 2.40 -10.63 3.17
C GLN A 141 2.81 -9.18 2.87
N GLY A 142 3.96 -8.77 3.39
CA GLY A 142 4.45 -7.43 3.16
C GLY A 142 3.70 -6.35 3.89
N LEU A 143 3.88 -5.13 3.41
CA LEU A 143 3.30 -3.93 4.01
C LEU A 143 1.77 -3.83 4.08
N GLY A 144 1.08 -4.15 2.99
CA GLY A 144 -0.37 -4.06 2.96
C GLY A 144 -0.71 -3.89 1.50
N HIS A 145 -1.61 -2.97 1.17
CA HIS A 145 -1.97 -2.73 -0.22
C HIS A 145 -2.41 -1.29 -0.49
N PHE A 146 -2.54 -0.95 -1.77
CA PHE A 146 -3.04 0.36 -2.13
C PHE A 146 -3.75 0.23 -3.46
N VAL A 147 -4.71 1.12 -3.68
CA VAL A 147 -5.49 1.14 -4.88
C VAL A 147 -4.97 2.25 -5.78
N ARG A 148 -4.48 1.86 -6.94
CA ARG A 148 -3.93 2.76 -7.95
C ARG A 148 -5.03 3.24 -8.89
N CYS A 149 -5.27 4.54 -8.90
CA CYS A 149 -6.26 5.13 -9.80
C CYS A 149 -5.58 5.39 -11.14
N VAL A 150 -6.21 4.95 -12.22
CA VAL A 150 -5.66 5.10 -13.57
C VAL A 150 -6.71 5.57 -14.58
N PRO A 151 -6.25 6.20 -15.67
CA PRO A 151 -7.20 6.65 -16.68
C PRO A 151 -7.61 5.51 -17.61
N ASP A 152 -6.78 4.46 -17.66
CA ASP A 152 -7.02 3.30 -18.52
C ASP A 152 -6.62 2.00 -17.81
N SER A 153 -7.62 1.28 -17.31
CA SER A 153 -7.44 0.04 -16.59
C SER A 153 -6.79 -1.08 -17.37
N ASP A 154 -7.11 -1.19 -18.64
CA ASP A 154 -6.55 -2.25 -19.45
C ASP A 154 -5.05 -2.08 -19.66
N LYS A 155 -4.61 -0.86 -19.88
CA LYS A 155 -3.19 -0.61 -20.06
C LYS A 155 -2.47 -0.89 -18.73
N ALA A 156 -3.07 -0.45 -17.62
CA ALA A 156 -2.48 -0.65 -16.30
C ALA A 156 -2.41 -2.15 -15.96
N LEU A 157 -3.49 -2.87 -16.27
CA LEU A 157 -3.56 -4.31 -16.03
C LEU A 157 -2.47 -5.08 -16.75
N ALA A 158 -2.25 -4.76 -18.02
CA ALA A 158 -1.23 -5.42 -18.83
C ALA A 158 0.16 -5.22 -18.23
N PHE A 159 0.46 -3.99 -17.85
CA PHE A 159 1.76 -3.69 -17.24
C PHE A 159 1.97 -4.46 -15.93
N TYR A 160 1.02 -4.37 -15.01
CA TYR A 160 1.15 -5.04 -13.73
C TYR A 160 1.12 -6.56 -13.75
N THR A 161 0.37 -7.15 -14.66
CA THR A 161 0.33 -8.61 -14.72
C THR A 161 1.40 -9.17 -15.66
N ASP A 162 1.41 -8.69 -16.90
CA ASP A 162 2.36 -9.21 -17.86
C ASP A 162 3.81 -8.80 -17.61
N VAL A 163 4.03 -7.58 -17.15
CA VAL A 163 5.40 -7.17 -16.89
C VAL A 163 5.81 -7.39 -15.44
N LEU A 164 5.05 -6.88 -14.48
CA LEU A 164 5.43 -7.06 -13.07
C LEU A 164 5.09 -8.43 -12.46
N GLY A 165 4.24 -9.19 -13.14
CA GLY A 165 3.90 -10.51 -12.64
C GLY A 165 2.81 -10.69 -11.58
N PHE A 166 2.01 -9.66 -11.30
CA PHE A 166 0.94 -9.80 -10.33
C PHE A 166 -0.12 -10.71 -10.94
N GLN A 167 -0.89 -11.40 -10.10
CA GLN A 167 -1.93 -12.30 -10.57
C GLN A 167 -3.27 -11.75 -10.12
N LEU A 168 -4.30 -11.93 -10.93
CA LEU A 168 -5.62 -11.44 -10.58
C LEU A 168 -6.29 -12.31 -9.49
N SER A 169 -6.90 -11.65 -8.51
CA SER A 169 -7.62 -12.34 -7.46
C SER A 169 -9.10 -12.35 -7.85
N ASP A 170 -9.66 -11.16 -8.05
CA ASP A 170 -11.06 -11.00 -8.39
C ASP A 170 -11.36 -9.60 -8.90
N VAL A 171 -12.60 -9.39 -9.31
CA VAL A 171 -13.03 -8.10 -9.85
C VAL A 171 -14.32 -7.68 -9.17
N ILE A 172 -14.44 -6.39 -8.91
CA ILE A 172 -15.66 -5.86 -8.32
C ILE A 172 -16.18 -4.77 -9.25
N ASP A 173 -17.43 -4.92 -9.71
CA ASP A 173 -18.05 -3.92 -10.58
C ASP A 173 -18.66 -2.84 -9.72
N MET A 174 -17.92 -1.75 -9.60
CA MET A 174 -18.30 -0.62 -8.79
C MET A 174 -19.35 0.23 -9.49
N LYS A 175 -20.54 0.27 -8.93
CA LYS A 175 -21.64 1.06 -9.48
C LYS A 175 -21.52 2.49 -9.00
N MET A 176 -21.03 3.36 -9.86
CA MET A 176 -20.88 4.76 -9.50
C MET A 176 -21.91 5.53 -10.30
N GLY A 177 -23.16 5.49 -9.84
CA GLY A 177 -24.21 6.18 -10.55
C GLY A 177 -24.84 5.29 -11.61
N PRO A 178 -26.03 5.66 -12.10
CA PRO A 178 -26.83 4.95 -13.13
C PRO A 178 -26.13 4.61 -14.45
N ASP A 179 -25.41 5.57 -15.00
CA ASP A 179 -24.72 5.38 -16.29
C ASP A 179 -23.23 5.07 -16.12
N VAL A 180 -22.81 4.76 -14.90
CA VAL A 180 -21.41 4.45 -14.66
C VAL A 180 -21.14 3.27 -13.74
N THR A 181 -20.42 2.31 -14.30
CA THR A 181 -20.00 1.13 -13.57
C THR A 181 -18.56 0.95 -13.97
N VAL A 182 -17.70 0.96 -12.96
CA VAL A 182 -16.27 0.85 -13.14
C VAL A 182 -15.72 -0.42 -12.48
N PRO A 183 -15.04 -1.27 -13.26
CA PRO A 183 -14.47 -2.49 -12.68
C PRO A 183 -13.17 -2.17 -11.92
N ALA A 184 -13.05 -2.71 -10.72
CA ALA A 184 -11.86 -2.55 -9.90
C ALA A 184 -11.22 -3.94 -9.92
N TYR A 185 -9.94 -4.00 -10.27
CA TYR A 185 -9.21 -5.25 -10.34
C TYR A 185 -8.29 -5.41 -9.12
N PHE A 186 -8.38 -6.55 -8.44
CA PHE A 186 -7.56 -6.84 -7.26
C PHE A 186 -6.52 -7.89 -7.58
N LEU A 187 -5.25 -7.54 -7.39
CA LEU A 187 -4.10 -8.39 -7.73
C LEU A 187 -3.22 -8.80 -6.53
N HIS A 188 -2.66 -10.00 -6.60
CA HIS A 188 -1.81 -10.47 -5.52
C HIS A 188 -0.46 -10.90 -6.07
N CYS A 189 0.54 -10.92 -5.19
CA CYS A 189 1.86 -11.36 -5.55
C CYS A 189 2.36 -12.31 -4.45
N ASN A 190 1.49 -12.62 -3.49
CA ASN A 190 1.79 -13.51 -2.38
C ASN A 190 0.43 -13.90 -1.79
N GLU A 191 0.41 -14.40 -0.55
CA GLU A 191 -0.82 -14.84 0.12
C GLU A 191 -1.85 -13.76 0.40
N ARG A 192 -1.39 -12.53 0.61
CA ARG A 192 -2.31 -11.42 0.90
C ARG A 192 -3.28 -11.34 -0.30
N HIS A 193 -4.58 -11.29 -0.01
CA HIS A 193 -5.61 -11.25 -1.05
C HIS A 193 -5.22 -10.30 -2.18
N HIS A 194 -4.86 -9.06 -1.83
CA HIS A 194 -4.37 -8.15 -2.86
C HIS A 194 -3.36 -7.21 -2.28
N THR A 195 -2.28 -7.02 -3.03
CA THR A 195 -1.23 -6.09 -2.68
C THR A 195 -1.46 -4.83 -3.52
N LEU A 196 -2.19 -4.99 -4.63
CA LEU A 196 -2.47 -3.88 -5.52
C LEU A 196 -3.87 -4.03 -6.12
N ALA A 197 -4.60 -2.92 -6.26
CA ALA A 197 -5.91 -2.93 -6.90
C ALA A 197 -5.83 -1.78 -7.93
N ILE A 198 -6.50 -1.95 -9.06
CA ILE A 198 -6.48 -0.97 -10.14
C ILE A 198 -7.90 -0.61 -10.53
N ALA A 199 -8.19 0.69 -10.63
CA ALA A 199 -9.52 1.14 -11.01
C ALA A 199 -9.45 2.53 -11.66
N ALA A 200 -10.30 2.75 -12.66
CA ALA A 200 -10.34 4.03 -13.35
C ALA A 200 -11.30 4.98 -12.62
N PHE A 201 -10.96 5.38 -11.40
CA PHE A 201 -11.81 6.30 -10.62
C PHE A 201 -11.40 7.70 -10.96
N PRO A 202 -12.36 8.63 -10.97
CA PRO A 202 -12.02 10.03 -11.27
C PRO A 202 -11.55 10.74 -9.99
N LEU A 203 -10.27 10.58 -9.66
CA LEU A 203 -9.74 11.21 -8.45
C LEU A 203 -8.51 11.99 -8.79
N PRO A 204 -8.22 13.03 -8.00
CA PRO A 204 -7.05 13.89 -8.21
C PRO A 204 -5.76 13.20 -7.75
N LYS A 205 -5.87 12.04 -7.10
CA LYS A 205 -4.68 11.35 -6.58
C LYS A 205 -4.27 10.12 -7.34
N ARG A 206 -3.05 9.70 -7.11
CA ARG A 206 -2.47 8.52 -7.73
C ARG A 206 -3.10 7.25 -7.13
N ILE A 207 -3.48 7.33 -5.85
CA ILE A 207 -4.10 6.21 -5.17
C ILE A 207 -5.35 6.64 -4.42
N HIS A 208 -6.31 5.72 -4.28
CA HIS A 208 -7.52 6.01 -3.55
C HIS A 208 -7.18 5.86 -2.05
N HIS A 209 -6.50 4.78 -1.70
CA HIS A 209 -6.11 4.55 -0.30
C HIS A 209 -5.02 3.53 -0.22
N PHE A 210 -4.40 3.48 0.96
CA PHE A 210 -3.40 2.47 1.25
C PHE A 210 -3.99 1.79 2.49
N MET A 211 -3.59 0.56 2.74
CA MET A 211 -4.16 -0.16 3.84
C MET A 211 -3.09 -0.77 4.75
N LEU A 212 -3.36 -0.72 6.05
CA LEU A 212 -2.48 -1.33 7.05
C LEU A 212 -3.35 -2.33 7.79
N GLU A 213 -2.82 -3.53 8.02
CA GLU A 213 -3.57 -4.57 8.72
C GLU A 213 -3.01 -4.80 10.13
N VAL A 214 -3.90 -4.81 11.12
CA VAL A 214 -3.53 -5.01 12.52
C VAL A 214 -3.91 -6.40 13.01
N ALA A 215 -3.39 -6.77 14.18
CA ALA A 215 -3.62 -8.11 14.72
C ALA A 215 -4.94 -8.42 15.45
N SER A 216 -5.65 -7.42 15.97
CA SER A 216 -6.90 -7.73 16.65
C SER A 216 -8.02 -6.75 16.35
N LEU A 217 -9.25 -7.19 16.60
CA LEU A 217 -10.41 -6.35 16.39
C LEU A 217 -10.32 -5.10 17.27
N ASP A 218 -9.83 -5.24 18.50
CA ASP A 218 -9.71 -4.08 19.37
C ASP A 218 -8.77 -3.03 18.83
N ASP A 219 -7.72 -3.45 18.12
CA ASP A 219 -6.80 -2.48 17.52
C ASP A 219 -7.60 -1.57 16.60
N VAL A 220 -8.49 -2.16 15.83
CA VAL A 220 -9.32 -1.41 14.89
C VAL A 220 -10.33 -0.52 15.63
N GLY A 221 -11.01 -1.09 16.62
CA GLY A 221 -12.00 -0.34 17.37
C GLY A 221 -11.41 0.86 18.09
N PHE A 222 -10.27 0.68 18.73
CA PHE A 222 -9.63 1.81 19.44
C PHE A 222 -9.15 2.88 18.45
N ALA A 223 -8.55 2.47 17.34
CA ALA A 223 -8.08 3.43 16.36
C ALA A 223 -9.24 4.22 15.77
N PHE A 224 -10.37 3.55 15.57
CA PHE A 224 -11.57 4.18 15.03
C PHE A 224 -11.97 5.38 15.91
N ASP A 225 -12.04 5.17 17.22
CA ASP A 225 -12.40 6.23 18.14
C ASP A 225 -11.36 7.36 18.13
N ARG A 226 -10.08 7.02 18.07
CA ARG A 226 -9.04 8.04 18.04
C ARG A 226 -9.22 8.97 16.82
N VAL A 227 -9.47 8.36 15.67
CA VAL A 227 -9.65 9.07 14.40
C VAL A 227 -10.98 9.84 14.35
N ASP A 228 -12.03 9.21 14.86
CA ASP A 228 -13.35 9.80 14.88
C ASP A 228 -13.40 11.06 15.74
N ALA A 229 -12.60 11.08 16.80
CA ALA A 229 -12.54 12.23 17.68
C ALA A 229 -12.18 13.50 16.91
N ASP A 230 -11.39 13.37 15.85
CA ASP A 230 -10.98 14.52 15.05
C ASP A 230 -11.82 14.65 13.79
N GLY A 231 -12.91 13.89 13.73
CA GLY A 231 -13.81 13.92 12.58
C GLY A 231 -13.20 13.48 11.26
N LEU A 232 -12.27 12.53 11.31
CA LEU A 232 -11.60 12.07 10.10
C LEU A 232 -12.11 10.78 9.46
N ILE A 233 -13.13 10.16 10.02
CA ILE A 233 -13.69 8.92 9.47
C ILE A 233 -14.41 9.21 8.13
N THR A 234 -14.16 8.37 7.12
CA THR A 234 -14.81 8.51 5.83
C THR A 234 -15.80 7.36 5.56
N SER A 235 -15.56 6.20 6.18
CA SER A 235 -16.43 5.03 6.05
C SER A 235 -16.48 4.32 7.39
N THR A 236 -17.67 3.94 7.81
CA THR A 236 -17.83 3.23 9.07
C THR A 236 -17.25 1.82 8.95
N LEU A 237 -17.20 1.09 10.06
CA LEU A 237 -16.72 -0.28 10.07
C LEU A 237 -17.60 -1.16 9.16
N GLY A 238 -16.96 -2.05 8.43
CA GLY A 238 -17.68 -2.94 7.55
C GLY A 238 -16.74 -4.07 7.15
N ARG A 239 -17.24 -5.02 6.38
CA ARG A 239 -16.38 -6.11 5.93
C ARG A 239 -16.50 -6.22 4.43
N HIS A 240 -15.36 -6.30 3.74
CA HIS A 240 -15.33 -6.43 2.30
C HIS A 240 -15.77 -7.80 1.81
N THR A 241 -16.35 -7.82 0.62
CA THR A 241 -16.85 -9.04 -0.01
C THR A 241 -15.73 -9.93 -0.54
N ASN A 242 -14.65 -9.33 -1.01
CA ASN A 242 -13.59 -10.12 -1.60
C ASN A 242 -12.48 -10.60 -0.69
N ASP A 243 -11.85 -9.68 0.06
CA ASP A 243 -10.79 -10.08 0.97
C ASP A 243 -11.28 -10.37 2.40
N HIS A 244 -12.55 -10.10 2.65
CA HIS A 244 -13.18 -10.32 3.96
C HIS A 244 -12.56 -9.53 5.11
N MET A 245 -11.88 -8.45 4.76
CA MET A 245 -11.26 -7.60 5.74
C MET A 245 -12.31 -6.76 6.46
N VAL A 246 -12.20 -6.67 7.77
CA VAL A 246 -13.07 -5.83 8.59
C VAL A 246 -12.27 -4.55 8.73
N SER A 247 -12.81 -3.42 8.27
CA SER A 247 -12.05 -2.18 8.31
C SER A 247 -12.89 -0.92 8.32
N PHE A 248 -12.23 0.21 8.53
CA PHE A 248 -12.87 1.52 8.44
C PHE A 248 -11.89 2.32 7.57
N TYR A 249 -12.34 3.44 7.00
CA TYR A 249 -11.48 4.27 6.16
C TYR A 249 -11.46 5.64 6.82
N ALA A 250 -10.35 6.35 6.65
CA ALA A 250 -10.21 7.67 7.25
C ALA A 250 -9.39 8.52 6.31
N SER A 251 -9.50 9.83 6.47
CA SER A 251 -8.74 10.74 5.62
C SER A 251 -7.40 11.12 6.25
N THR A 252 -6.33 11.06 5.46
CA THR A 252 -5.00 11.46 5.95
C THR A 252 -4.92 12.97 5.70
N PRO A 253 -3.86 13.63 6.22
CA PRO A 253 -3.76 15.08 5.99
C PRO A 253 -3.63 15.45 4.51
N SER A 254 -3.28 14.50 3.64
CA SER A 254 -3.18 14.79 2.21
C SER A 254 -4.47 14.54 1.41
N GLY A 255 -5.55 14.13 2.07
CA GLY A 255 -6.77 13.87 1.34
C GLY A 255 -6.85 12.41 0.92
N VAL A 256 -5.69 11.81 0.71
CA VAL A 256 -5.56 10.38 0.36
C VAL A 256 -6.16 9.65 1.57
N GLU A 257 -6.88 8.57 1.33
CA GLU A 257 -7.48 7.84 2.45
C GLU A 257 -6.61 6.66 2.93
N VAL A 258 -6.85 6.23 4.15
CA VAL A 258 -6.14 5.09 4.71
C VAL A 258 -7.19 4.11 5.19
N GLU A 259 -6.95 2.83 4.96
CA GLU A 259 -7.87 1.79 5.41
C GLU A 259 -7.11 1.08 6.52
N TYR A 260 -7.81 0.82 7.62
CA TYR A 260 -7.22 0.19 8.80
C TYR A 260 -8.08 -1.03 9.07
N GLY A 261 -7.52 -2.22 8.85
CA GLY A 261 -8.32 -3.42 9.00
C GLY A 261 -7.74 -4.60 9.72
N TRP A 262 -8.57 -5.63 9.78
CA TRP A 262 -8.22 -6.85 10.50
C TRP A 262 -8.97 -8.05 9.94
N SER A 263 -8.34 -9.22 10.06
CA SER A 263 -8.96 -10.49 9.68
C SER A 263 -9.23 -10.78 8.22
N ALA A 264 -8.37 -10.31 7.33
CA ALA A 264 -8.57 -10.59 5.91
C ALA A 264 -8.26 -12.07 5.64
N ARG A 265 -8.89 -12.62 4.61
CA ARG A 265 -8.60 -14.00 4.23
C ARG A 265 -7.45 -13.95 3.21
N THR A 266 -6.75 -15.07 3.08
CA THR A 266 -5.65 -15.13 2.14
C THR A 266 -6.01 -15.94 0.91
N VAL A 267 -5.14 -15.86 -0.10
CA VAL A 267 -5.31 -16.55 -1.35
C VAL A 267 -4.43 -17.79 -1.30
N ASP A 268 -4.96 -18.91 -1.77
CA ASP A 268 -4.20 -20.16 -1.79
C ASP A 268 -4.11 -20.68 -3.24
N ARG A 269 -3.51 -21.85 -3.41
CA ARG A 269 -3.34 -22.45 -4.73
C ARG A 269 -4.66 -22.87 -5.34
N SER A 270 -5.65 -23.15 -4.52
CA SER A 270 -6.93 -23.56 -5.05
C SER A 270 -7.81 -22.35 -5.47
N TRP A 271 -7.29 -21.14 -5.27
CA TRP A 271 -8.03 -19.92 -5.62
C TRP A 271 -8.50 -19.85 -7.07
N VAL A 272 -9.71 -19.34 -7.27
CA VAL A 272 -10.24 -19.14 -8.63
C VAL A 272 -10.77 -17.70 -8.72
N VAL A 273 -10.61 -17.08 -9.89
CA VAL A 273 -11.08 -15.72 -10.11
C VAL A 273 -12.61 -15.69 -10.07
N VAL A 274 -13.16 -14.68 -9.41
CA VAL A 274 -14.61 -14.50 -9.33
C VAL A 274 -14.93 -13.01 -9.49
N ARG A 275 -16.21 -12.68 -9.57
CA ARG A 275 -16.63 -11.29 -9.69
C ARG A 275 -17.67 -10.99 -8.63
N HIS A 276 -17.75 -9.72 -8.24
CA HIS A 276 -18.70 -9.29 -7.22
C HIS A 276 -19.36 -8.04 -7.75
N ASP A 277 -20.54 -7.73 -7.22
CA ASP A 277 -21.27 -6.54 -7.61
C ASP A 277 -21.29 -5.50 -6.50
N SER A 278 -20.77 -5.87 -5.33
CA SER A 278 -20.69 -4.98 -4.16
C SER A 278 -19.32 -5.15 -3.52
N PRO A 279 -18.76 -4.05 -3.00
CA PRO A 279 -17.44 -4.13 -2.36
C PRO A 279 -17.53 -4.47 -0.86
N SER A 280 -18.73 -4.45 -0.30
CA SER A 280 -18.89 -4.73 1.12
C SER A 280 -20.08 -5.62 1.44
N MET A 281 -19.89 -6.56 2.37
CA MET A 281 -20.94 -7.47 2.83
C MET A 281 -21.87 -6.69 3.75
N TRP A 282 -21.26 -5.94 4.67
CA TRP A 282 -21.99 -5.10 5.62
C TRP A 282 -21.11 -3.93 6.05
N GLY A 283 -21.77 -2.90 6.58
CA GLY A 283 -21.06 -1.72 7.05
C GLY A 283 -20.47 -0.87 5.94
N HIS A 284 -19.38 -0.20 6.24
CA HIS A 284 -18.73 0.68 5.27
C HIS A 284 -19.65 1.77 4.74
N LYS A 285 -20.48 2.31 5.61
CA LYS A 285 -21.41 3.38 5.28
C LYS A 285 -20.55 4.62 5.06
N SER A 286 -20.66 5.23 3.88
CA SER A 286 -19.89 6.43 3.58
C SER A 286 -20.37 7.62 4.38
N VAL A 287 -19.47 8.22 5.13
CA VAL A 287 -19.80 9.37 5.93
C VAL A 287 -18.97 10.55 5.43
N ARG A 288 -18.72 10.53 4.12
CA ARG A 288 -17.96 11.59 3.46
C ARG A 288 -19.00 12.63 3.03
FE FE2 B . -8.43 -1.79 0.67
FE FE2 C . -1.88 -16.93 -7.84
CA1 MBD D . -10.88 -3.51 -0.38
OA1 MBD D . -9.84 -3.64 0.50
CA2 MBD D . -11.23 -2.27 -0.83
OA2 MBD D . -10.52 -1.17 -0.38
CA3 MBD D . -12.27 -2.10 -1.70
CB3 MBD D . -12.60 -0.73 -2.15
CA4 MBD D . -12.99 -3.21 -2.16
CA5 MBD D . -12.63 -4.47 -1.71
CA6 MBD D . -11.58 -4.63 -0.83
O TBU E . -14.65 2.89 0.14
C TBU E . -15.87 2.10 0.05
C1 TBU E . -17.00 2.87 0.72
C2 TBU E . -16.18 1.85 -1.42
C3 TBU E . -15.65 0.77 0.75
O TBU F . -12.47 0.47 -1.49
C TBU F . -12.61 0.07 -2.88
C1 TBU F . -13.79 -0.89 -2.99
C2 TBU F . -12.85 1.31 -3.72
C3 TBU F . -11.33 -0.63 -3.32
#